data_7X94
#
_entry.id   7X94
#
_cell.length_a   1.00
_cell.length_b   1.00
_cell.length_c   1.00
_cell.angle_alpha   90.00
_cell.angle_beta   90.00
_cell.angle_gamma   90.00
#
_symmetry.space_group_name_H-M   'P 1'
#
loop_
_entity.id
_entity.type
_entity.pdbx_description
1 polymer 'Spike glycoprotein'
2 polymer 'Ab712 heavy chain'
3 polymer 'Ab712 light chain'
4 branched beta-D-mannopyranose-(1-4)-2-acetamido-2-deoxy-beta-D-glucopyranose-(1-4)-2-acetamido-2-deoxy-beta-D-glucopyranose
#
loop_
_entity_poly.entity_id
_entity_poly.type
_entity_poly.pdbx_seq_one_letter_code
_entity_poly.pdbx_strand_id
1 'polypeptide(L)'
;MFVFLVLLPLVSSQCVNLTTRTQLPPAYTNSFTRGVYYPDKVFRSSVLHSTQDLFLPFFSNVTWFHAIHVSGTNGTKRFD
NPVLPFNDGVYFASTEKSNIIRGWIFGTTLDSKTQSLLIVNNATNVVIKVCEFQFCNDPFLGVYYHKNNKSWMESEFRVY
SSANNCTFEYVSQPFLMDLEGKQGNFKNLREFVFKNIDGYFKIYSKHTPINLVRDLPQGFSALEPLVDLPIGINITRFQT
LLALHRSYLTPGDSSSGWTAGAAAYYVGYLQPRTFLLKYNENGTITDAVDCALDPLSETKCTLKSFTVEKGIYQTSNFRV
QPTESIVRFPNITNLCPFGEVFNATRFASVYAWNRKRISNCVADYSVLYNSASFSTFKCYGVSPTKLNDLCFTNVYADSF
VIRGDEVRQIAPGQTGKIADYNYKLPDDFTGCVIAWNSNNLDSKVGGNYNYLYRLFRKSNLKPFERDISTEIYQAGSTPC
NGVEGFNCYFPLQSYGFQPTNGVGYQPYRVVVLSFELLHAPATVCGPKKSTNLVKNKCVNFNFNGLTGTGVLTESNKKFL
PFQQFGRDIADTTDAVRDPQTLEILDITPCSFGGVSVITPGTNTSNQVAVLYQDVNCTEVPVAIHADQLTPTWRVYSTGS
NVFQTRAGCLIGAEHVNNSYECDIPIGAGICASYQTQTNSPGSASSVASQSIIAYTMSLGAENSVAYSNNSIAIPTNFTI
SVTTEILPVSMTKTSVDCTMYICGDSTECSNLLLQYGSFCTQLNRALTGIAVEQDKNTQEVFAQVKQIYKTPPIKDFGGF
NFSQILPDPSKPSKRSPIEDLLFNKVTLADAGFIKQYGDCLGDIAARDLICAQKFNGLTVLPPLLTDEMIAQYTSALLAG
TITSGWTFGAGPALQIPFPMQMAYRFNGIGVTQNVLYENQKLIANQFNSAIGKIQDSLSSTPSALGKLQDVVNQNAQALN
TLVKQLSSNFGAISSVLNDILSRLDPPEAEVQIDRLITGRLQSLQTYVTQQLIRAAEIRASANLAATKMSECVLGQSKRV
DFCGKGYHLMSFPQSAPHGVVFLHVTYVPAQEKNFTTAPAICHDGKAHFPREGVFVSNGTHWFVTQRNFYEPQIITTDNT
FVSGNCDVVIGIVNNTVYDPLQPELDSFKEELDKYFKNHTSPDVDLGDISGINASVVNIQKEIDRLNEVAKNLNESLIDL
QELGKYEQAAAGSGYIPEAPRDGQAYVRKDGEWVLLSTFLGSSGRENLYFQGGGGSGLNDIFEAQKIEWHEGHHHHHH
;
A
2 'polypeptide(L)'
;MDPKGSLSWRILLFLSLAFELSYGQVQLVQSGSELKKPGASVKISCKASGYTFINHAINWVRQAPGQGLEWMGWINTNTG
NPTYAPGFTGRFVFSLDTSVSTAYLQISSLKAEDTAVYYCARIPIRDYDYDGSGYYYFLDYWGQGTLVTVSSASTKGPSV
FPLAPSSKSTSGGTAALGCLVKDYFPEPVTVSWNSGALTSGVHTFPAVLQSSGLYSLSSVVTVPSSSLGTQTYICNVNHK
PSNTKVDKKVEPKSCENLYFQGHHHHHH
;
H
3 'polypeptide(L)'
;MDPKGSLSWRILLFLSLAFELSYGSYELTQDPAVSVALGQTVRITCQGDSLRSSSASWYQQKPGQAPVLVIYGKTNRPSG
IPDRFSGSSSGNTASLTITGAQAEDEADYYCNSRDNSGNHPVVFGGGTKLTVLGQPKAAPSVTLFPPSSEELQANKATLV
CLISDFYPGAVTVAWKADSSPVKAGVETTTPSKQSNNKYAASSYLSLTPEQWKSHRSYSCQVTHEGSTVEKTVAPTECS
;
L
#
loop_
_chem_comp.id
_chem_comp.type
_chem_comp.name
_chem_comp.formula
BMA D-saccharide, beta linking beta-D-mannopyranose 'C6 H12 O6'
NAG D-saccharide, beta linking 2-acetamido-2-deoxy-beta-D-glucopyranose 'C8 H15 N O6'
#
# COMPACT_ATOMS: atom_id res chain seq x y z
N ASN A 331 -38.96 -26.90 -23.84
CA ASN A 331 -39.68 -26.32 -22.72
C ASN A 331 -38.73 -25.84 -21.65
N ILE A 332 -39.21 -24.93 -20.80
CA ILE A 332 -38.40 -24.41 -19.71
C ILE A 332 -38.20 -25.50 -18.65
N THR A 333 -37.05 -25.48 -18.00
CA THR A 333 -36.70 -26.50 -17.01
C THR A 333 -35.85 -25.84 -15.94
N ASN A 334 -35.14 -26.65 -15.15
CA ASN A 334 -34.34 -26.17 -14.03
C ASN A 334 -33.45 -25.00 -14.41
N LEU A 335 -33.14 -24.15 -13.45
CA LEU A 335 -32.27 -23.00 -13.64
C LEU A 335 -30.92 -23.26 -12.97
N CYS A 336 -30.03 -22.29 -13.09
CA CYS A 336 -28.69 -22.37 -12.51
C CYS A 336 -28.70 -21.82 -11.09
N PRO A 337 -27.73 -22.22 -10.26
CA PRO A 337 -27.71 -21.80 -8.84
C PRO A 337 -27.12 -20.42 -8.62
N PHE A 338 -27.61 -19.43 -9.38
CA PHE A 338 -27.15 -18.06 -9.19
C PHE A 338 -27.47 -17.56 -7.79
N GLY A 339 -28.66 -17.91 -7.29
CA GLY A 339 -29.03 -17.50 -5.94
C GLY A 339 -28.08 -18.03 -4.88
N GLU A 340 -27.65 -19.29 -5.03
CA GLU A 340 -26.77 -19.89 -4.04
C GLU A 340 -25.48 -19.09 -3.89
N VAL A 341 -25.04 -18.43 -4.96
CA VAL A 341 -23.78 -17.70 -4.94
C VAL A 341 -23.96 -16.20 -4.75
N PHE A 342 -25.16 -15.67 -5.00
CA PHE A 342 -25.39 -14.23 -4.87
C PHE A 342 -25.92 -13.89 -3.48
N ASN A 343 -27.06 -14.43 -3.11
CA ASN A 343 -27.59 -14.22 -1.76
C ASN A 343 -26.62 -14.80 -0.74
N ALA A 344 -26.46 -16.11 -0.78
CA ALA A 344 -25.43 -16.85 -0.03
C ALA A 344 -25.41 -16.41 1.43
N THR A 345 -24.24 -16.53 2.05
CA THR A 345 -24.05 -16.34 3.49
C THR A 345 -22.63 -15.80 3.65
N ARG A 346 -22.04 -15.98 4.84
CA ARG A 346 -20.63 -15.62 5.05
C ARG A 346 -19.83 -15.93 3.79
N PHE A 347 -19.19 -14.90 3.25
CA PHE A 347 -18.86 -14.86 1.83
C PHE A 347 -17.36 -14.81 1.67
N ALA A 348 -16.83 -15.67 0.80
CA ALA A 348 -15.40 -15.95 0.76
C ALA A 348 -14.57 -14.67 0.73
N SER A 349 -13.43 -14.72 1.43
CA SER A 349 -12.49 -13.62 1.40
C SER A 349 -11.79 -13.58 0.04
N VAL A 350 -10.83 -12.67 -0.10
CA VAL A 350 -10.22 -12.43 -1.41
C VAL A 350 -8.95 -13.26 -1.60
N TYR A 351 -8.13 -13.45 -0.56
CA TYR A 351 -6.87 -14.14 -0.77
C TYR A 351 -7.08 -15.56 -1.25
N ALA A 352 -8.23 -16.16 -0.94
CA ALA A 352 -8.67 -17.43 -1.50
C ALA A 352 -10.08 -17.19 -2.04
N TRP A 353 -10.14 -16.66 -3.25
CA TRP A 353 -11.43 -16.31 -3.84
C TRP A 353 -12.20 -17.57 -4.20
N ASN A 354 -13.48 -17.60 -3.85
CA ASN A 354 -14.27 -18.81 -4.07
C ASN A 354 -14.55 -18.98 -5.56
N ARG A 355 -14.57 -20.24 -6.01
CA ARG A 355 -14.89 -20.57 -7.39
C ARG A 355 -16.04 -21.56 -7.41
N LYS A 356 -16.85 -21.47 -8.46
CA LYS A 356 -17.97 -22.39 -8.66
C LYS A 356 -18.08 -22.72 -10.14
N ARG A 357 -18.13 -24.00 -10.46
CA ARG A 357 -18.34 -24.47 -11.81
C ARG A 357 -19.81 -24.80 -12.00
N ILE A 358 -20.41 -24.27 -13.06
CA ILE A 358 -21.81 -24.49 -13.36
C ILE A 358 -21.89 -25.55 -14.46
N SER A 359 -22.53 -26.67 -14.13
CA SER A 359 -22.65 -27.78 -15.07
C SER A 359 -23.75 -27.48 -16.07
N ASN A 360 -24.18 -28.49 -16.82
CA ASN A 360 -25.26 -28.33 -17.78
C ASN A 360 -26.48 -27.73 -17.08
N CYS A 361 -27.00 -26.66 -17.66
CA CYS A 361 -28.05 -25.88 -17.01
C CYS A 361 -28.56 -24.84 -18.01
N VAL A 362 -29.55 -24.07 -17.57
CA VAL A 362 -30.06 -22.92 -18.30
C VAL A 362 -30.01 -21.72 -17.38
N ALA A 363 -29.40 -20.63 -17.86
CA ALA A 363 -29.17 -19.45 -17.05
C ALA A 363 -30.02 -18.30 -17.54
N ASP A 364 -30.59 -17.54 -16.61
CA ASP A 364 -31.43 -16.38 -16.90
C ASP A 364 -30.68 -15.14 -16.43
N TYR A 365 -29.84 -14.60 -17.31
CA TYR A 365 -29.05 -13.44 -16.94
C TYR A 365 -29.90 -12.18 -16.84
N SER A 366 -30.99 -12.11 -17.61
CA SER A 366 -31.86 -10.95 -17.56
C SER A 366 -32.37 -10.69 -16.15
N VAL A 367 -32.54 -11.75 -15.34
CA VAL A 367 -32.97 -11.57 -13.97
C VAL A 367 -31.94 -10.74 -13.21
N LEU A 368 -30.65 -11.01 -13.44
CA LEU A 368 -29.61 -10.23 -12.77
C LEU A 368 -29.49 -8.84 -13.37
N TYR A 369 -29.68 -8.72 -14.69
CA TYR A 369 -29.54 -7.42 -15.35
C TYR A 369 -30.62 -6.45 -14.86
N ASN A 370 -31.88 -6.88 -14.88
CA ASN A 370 -32.97 -5.98 -14.52
C ASN A 370 -32.91 -5.55 -13.05
N SER A 371 -32.33 -6.37 -12.18
CA SER A 371 -32.24 -6.01 -10.77
C SER A 371 -31.42 -4.74 -10.60
N ALA A 372 -31.94 -3.81 -9.81
CA ALA A 372 -31.29 -2.53 -9.58
C ALA A 372 -30.39 -2.52 -8.35
N SER A 373 -30.42 -3.57 -7.53
CA SER A 373 -29.58 -3.59 -6.34
C SER A 373 -28.11 -3.57 -6.68
N PHE A 374 -27.74 -4.06 -7.86
CA PHE A 374 -26.34 -4.12 -8.25
C PHE A 374 -25.78 -2.72 -8.43
N SER A 375 -24.54 -2.51 -7.99
CA SER A 375 -23.90 -1.22 -8.17
C SER A 375 -23.30 -1.10 -9.57
N THR A 376 -22.38 -1.99 -9.93
CA THR A 376 -21.78 -2.00 -11.26
C THR A 376 -21.95 -3.37 -11.89
N PHE A 377 -22.49 -3.39 -13.10
CA PHE A 377 -22.70 -4.60 -13.89
C PHE A 377 -22.03 -4.33 -15.23
N LYS A 378 -20.73 -4.60 -15.33
CA LYS A 378 -19.95 -4.23 -16.49
C LYS A 378 -19.40 -5.50 -17.14
N CYS A 379 -19.70 -5.69 -18.42
CA CYS A 379 -19.29 -6.90 -19.13
C CYS A 379 -18.28 -6.55 -20.21
N TYR A 380 -17.20 -7.33 -20.26
CA TYR A 380 -16.11 -7.14 -21.21
C TYR A 380 -16.13 -8.12 -22.37
N GLY A 381 -17.15 -8.97 -22.45
CA GLY A 381 -17.23 -9.95 -23.52
C GLY A 381 -18.18 -9.53 -24.61
N VAL A 382 -19.37 -10.11 -24.60
CA VAL A 382 -20.40 -9.79 -25.58
C VAL A 382 -21.37 -8.81 -24.96
N SER A 383 -22.21 -8.21 -25.79
CA SER A 383 -23.18 -7.23 -25.32
C SER A 383 -24.06 -7.86 -24.24
N PRO A 384 -24.14 -7.27 -23.04
CA PRO A 384 -24.95 -7.91 -21.99
C PRO A 384 -26.40 -8.11 -22.39
N THR A 385 -26.97 -7.15 -23.14
CA THR A 385 -28.41 -7.15 -23.38
C THR A 385 -28.91 -8.44 -24.01
N LYS A 386 -28.05 -9.16 -24.73
CA LYS A 386 -28.46 -10.41 -25.38
C LYS A 386 -27.62 -11.60 -24.91
N LEU A 387 -27.05 -11.54 -23.71
CA LEU A 387 -26.39 -12.71 -23.13
C LEU A 387 -27.27 -13.95 -23.23
N ASN A 388 -28.58 -13.77 -23.29
CA ASN A 388 -29.53 -14.88 -23.33
C ASN A 388 -29.64 -15.54 -24.71
N ASP A 389 -28.71 -15.27 -25.63
CA ASP A 389 -28.78 -15.86 -26.96
C ASP A 389 -27.44 -16.43 -27.41
N LEU A 390 -26.53 -16.69 -26.47
CA LEU A 390 -25.26 -17.35 -26.77
C LEU A 390 -25.15 -18.61 -25.92
N CYS A 391 -24.46 -19.62 -26.46
CA CYS A 391 -24.30 -20.91 -25.81
C CYS A 391 -22.85 -21.13 -25.43
N PHE A 392 -22.62 -21.45 -24.17
CA PHE A 392 -21.29 -21.74 -23.63
C PHE A 392 -21.27 -23.18 -23.11
N THR A 393 -20.16 -23.55 -22.49
CA THR A 393 -19.99 -24.91 -21.99
C THR A 393 -19.57 -24.96 -20.53
N ASN A 394 -18.74 -24.03 -20.08
CA ASN A 394 -18.03 -24.17 -18.81
C ASN A 394 -18.06 -22.85 -18.05
N VAL A 395 -19.24 -22.23 -17.97
CA VAL A 395 -19.35 -20.92 -17.33
C VAL A 395 -18.96 -21.03 -15.86
N TYR A 396 -17.94 -20.25 -15.47
CA TYR A 396 -17.41 -20.22 -14.12
C TYR A 396 -17.91 -18.97 -13.39
N ALA A 397 -18.02 -19.09 -12.07
CA ALA A 397 -18.44 -17.98 -11.21
C ALA A 397 -17.45 -17.84 -10.06
N ASP A 398 -16.70 -16.76 -10.04
CA ASP A 398 -15.79 -16.44 -8.96
C ASP A 398 -16.45 -15.44 -8.03
N SER A 399 -16.07 -15.47 -6.74
CA SER A 399 -16.72 -14.64 -5.75
C SER A 399 -15.74 -14.23 -4.67
N PHE A 400 -15.82 -12.96 -4.27
CA PHE A 400 -15.02 -12.47 -3.15
C PHE A 400 -15.52 -11.07 -2.77
N VAL A 401 -14.80 -10.42 -1.86
CA VAL A 401 -15.21 -9.16 -1.26
C VAL A 401 -14.05 -8.19 -1.31
N ILE A 402 -14.34 -6.92 -1.62
CA ILE A 402 -13.32 -5.91 -1.84
C ILE A 402 -13.70 -4.64 -1.09
N ARG A 403 -12.70 -3.81 -0.80
CA ARG A 403 -12.96 -2.47 -0.31
C ARG A 403 -13.78 -1.69 -1.35
N GLY A 404 -14.75 -0.91 -0.87
CA GLY A 404 -15.71 -0.30 -1.78
C GLY A 404 -15.07 0.59 -2.82
N ASP A 405 -14.18 1.49 -2.39
CA ASP A 405 -13.55 2.41 -3.33
C ASP A 405 -12.73 1.66 -4.37
N GLU A 406 -12.00 0.65 -3.94
CA GLU A 406 -11.05 -0.07 -4.79
C GLU A 406 -11.72 -1.30 -5.42
N VAL A 407 -12.78 -1.03 -6.19
CA VAL A 407 -13.48 -2.08 -6.90
C VAL A 407 -13.28 -2.02 -8.39
N ARG A 408 -12.84 -0.88 -8.94
CA ARG A 408 -12.59 -0.77 -10.37
C ARG A 408 -11.32 -1.49 -10.81
N GLN A 409 -10.68 -2.24 -9.93
CA GLN A 409 -9.50 -3.01 -10.28
C GLN A 409 -9.82 -4.42 -10.75
N ILE A 410 -11.08 -4.83 -10.71
CA ILE A 410 -11.50 -6.13 -11.25
C ILE A 410 -11.78 -5.90 -12.73
N ALA A 411 -10.72 -5.93 -13.52
CA ALA A 411 -10.81 -5.71 -14.96
C ALA A 411 -9.45 -6.02 -15.58
N PRO A 412 -9.41 -6.28 -16.89
CA PRO A 412 -8.12 -6.57 -17.53
C PRO A 412 -7.14 -5.42 -17.37
N GLY A 413 -5.87 -5.76 -17.23
CA GLY A 413 -4.81 -4.78 -17.25
C GLY A 413 -4.58 -4.08 -15.94
N GLN A 414 -5.65 -3.65 -15.28
CA GLN A 414 -5.53 -2.86 -14.07
C GLN A 414 -4.64 -3.57 -13.05
N THR A 415 -4.06 -2.77 -12.15
CA THR A 415 -3.08 -3.26 -11.19
C THR A 415 -3.39 -2.71 -9.81
N GLY A 416 -2.99 -3.46 -8.79
CA GLY A 416 -3.18 -3.05 -7.42
C GLY A 416 -3.29 -4.26 -6.51
N LYS A 417 -3.63 -3.99 -5.25
CA LYS A 417 -3.67 -5.04 -4.23
C LYS A 417 -4.70 -6.12 -4.56
N ILE A 418 -5.68 -5.82 -5.41
CA ILE A 418 -6.70 -6.78 -5.77
C ILE A 418 -6.58 -7.26 -7.21
N ALA A 419 -5.81 -6.56 -8.04
CA ALA A 419 -5.62 -6.95 -9.43
C ALA A 419 -4.25 -7.54 -9.72
N ASP A 420 -3.30 -7.38 -8.80
CA ASP A 420 -1.94 -7.85 -9.04
C ASP A 420 -1.51 -9.00 -8.14
N TYR A 421 -2.04 -9.08 -6.91
CA TYR A 421 -1.61 -10.07 -5.95
C TYR A 421 -2.68 -11.06 -5.53
N ASN A 422 -3.96 -10.78 -5.79
CA ASN A 422 -5.04 -11.62 -5.26
C ASN A 422 -5.84 -12.30 -6.36
N TYR A 423 -6.40 -11.54 -7.30
CA TYR A 423 -7.28 -12.11 -8.33
C TYR A 423 -7.15 -11.23 -9.56
N LYS A 424 -6.32 -11.65 -10.51
CA LYS A 424 -6.07 -10.89 -11.72
C LYS A 424 -6.76 -11.56 -12.90
N LEU A 425 -7.64 -10.83 -13.57
CA LEU A 425 -8.26 -11.34 -14.78
C LEU A 425 -7.21 -11.43 -15.89
N PRO A 426 -7.38 -12.36 -16.83
CA PRO A 426 -6.49 -12.38 -17.99
C PRO A 426 -6.74 -11.18 -18.89
N ASP A 427 -5.69 -10.77 -19.62
CA ASP A 427 -5.85 -9.66 -20.54
C ASP A 427 -6.93 -9.96 -21.57
N ASP A 428 -6.96 -11.19 -22.08
CA ASP A 428 -8.06 -11.66 -22.92
C ASP A 428 -9.14 -12.22 -22.00
N PHE A 429 -10.22 -11.47 -21.85
CA PHE A 429 -11.32 -11.84 -20.95
C PHE A 429 -12.63 -11.78 -21.72
N THR A 430 -13.56 -12.67 -21.35
CA THR A 430 -14.84 -12.77 -22.03
C THR A 430 -15.98 -12.96 -21.04
N GLY A 431 -15.87 -12.37 -19.85
CA GLY A 431 -16.88 -12.53 -18.83
C GLY A 431 -17.29 -11.21 -18.22
N CYS A 432 -18.45 -11.22 -17.60
CA CYS A 432 -18.98 -10.03 -16.96
C CYS A 432 -18.50 -9.94 -15.51
N VAL A 433 -18.51 -8.72 -14.98
CA VAL A 433 -18.13 -8.45 -13.60
C VAL A 433 -19.31 -7.74 -12.93
N ILE A 434 -19.71 -8.23 -11.77
CA ILE A 434 -20.84 -7.67 -11.04
C ILE A 434 -20.35 -7.33 -9.63
N ALA A 435 -20.73 -6.16 -9.14
CA ALA A 435 -20.33 -5.77 -7.80
C ALA A 435 -21.43 -4.93 -7.17
N TRP A 436 -21.78 -5.25 -5.93
CA TRP A 436 -22.84 -4.54 -5.24
C TRP A 436 -22.42 -4.27 -3.79
N ASN A 437 -22.95 -3.17 -3.25
CA ASN A 437 -22.65 -2.79 -1.87
C ASN A 437 -23.40 -3.69 -0.90
N SER A 438 -22.74 -4.05 0.19
CA SER A 438 -23.33 -4.86 1.25
C SER A 438 -22.93 -4.31 2.60
N ASN A 439 -23.01 -2.99 2.77
CA ASN A 439 -22.53 -2.37 4.00
C ASN A 439 -23.32 -2.86 5.21
N ASN A 440 -24.65 -2.97 5.08
CA ASN A 440 -25.47 -3.39 6.21
C ASN A 440 -25.14 -4.82 6.63
N LEU A 441 -24.94 -5.71 5.65
CA LEU A 441 -24.67 -7.11 5.96
C LEU A 441 -23.29 -7.33 6.57
N ASP A 442 -22.42 -6.32 6.55
CA ASP A 442 -21.07 -6.43 7.10
C ASP A 442 -20.76 -5.16 7.88
N SER A 443 -19.50 -5.00 8.27
CA SER A 443 -19.06 -3.81 8.99
C SER A 443 -19.83 -3.63 10.29
N LYS A 444 -19.80 -4.67 11.11
CA LYS A 444 -20.52 -4.65 12.38
C LYS A 444 -19.99 -3.53 13.27
N VAL A 445 -20.71 -3.29 14.37
CA VAL A 445 -20.38 -2.17 15.24
C VAL A 445 -18.95 -2.27 15.74
N GLY A 446 -18.53 -3.46 16.14
CA GLY A 446 -17.17 -3.67 16.58
C GLY A 446 -16.17 -3.85 15.47
N GLY A 447 -16.63 -3.84 14.22
CA GLY A 447 -15.75 -4.04 13.08
C GLY A 447 -15.69 -5.50 12.66
N ASN A 448 -15.82 -5.76 11.36
CA ASN A 448 -15.83 -7.13 10.87
C ASN A 448 -14.52 -7.83 11.20
N TYR A 449 -13.39 -7.24 10.82
CA TYR A 449 -12.07 -7.75 11.15
C TYR A 449 -11.96 -9.26 10.96
N ASN A 450 -12.56 -9.79 9.89
CA ASN A 450 -12.42 -11.21 9.57
C ASN A 450 -11.96 -11.38 8.13
N TYR A 451 -12.44 -10.51 7.25
CA TYR A 451 -12.07 -10.60 5.85
C TYR A 451 -10.60 -10.22 5.66
N LEU A 452 -9.87 -11.04 4.91
CA LEU A 452 -8.43 -10.92 4.79
C LEU A 452 -8.02 -10.72 3.34
N TYR A 453 -7.03 -9.87 3.13
CA TYR A 453 -6.48 -9.60 1.80
C TYR A 453 -4.97 -9.76 1.83
N ARG A 454 -4.42 -10.14 0.68
CA ARG A 454 -3.03 -10.57 0.57
C ARG A 454 -2.15 -9.46 0.03
N LEU A 455 -1.10 -9.14 0.76
CA LEU A 455 0.02 -8.33 0.29
C LEU A 455 1.30 -9.17 0.38
N PHE A 456 2.41 -8.58 -0.04
CA PHE A 456 3.73 -9.20 0.10
C PHE A 456 3.79 -10.54 -0.62
N ARG A 457 3.66 -10.48 -1.94
CA ARG A 457 3.89 -11.63 -2.80
C ARG A 457 5.28 -11.55 -3.40
N LYS A 458 6.00 -12.67 -3.36
CA LYS A 458 7.39 -12.68 -3.81
C LYS A 458 7.52 -12.18 -5.24
N SER A 459 6.51 -12.40 -6.07
CA SER A 459 6.54 -12.01 -7.47
C SER A 459 5.11 -11.66 -7.89
N ASN A 460 4.88 -11.60 -9.20
CA ASN A 460 3.58 -11.20 -9.73
C ASN A 460 2.60 -12.36 -9.58
N LEU A 461 1.41 -12.22 -10.18
CA LEU A 461 0.40 -13.27 -10.21
C LEU A 461 -0.01 -13.53 -11.64
N LYS A 462 0.03 -14.81 -12.04
CA LYS A 462 -0.47 -15.20 -13.34
C LYS A 462 -2.00 -15.16 -13.33
N PRO A 463 -2.62 -15.09 -14.51
CA PRO A 463 -4.09 -14.99 -14.55
C PRO A 463 -4.74 -16.17 -13.83
N PHE A 464 -5.83 -15.87 -13.12
CA PHE A 464 -6.67 -16.90 -12.51
C PHE A 464 -5.86 -17.82 -11.61
N GLU A 465 -4.92 -17.25 -10.86
CA GLU A 465 -4.08 -18.01 -9.95
C GLU A 465 -4.53 -17.74 -8.52
N ARG A 466 -4.75 -18.82 -7.76
CA ARG A 466 -5.14 -18.72 -6.36
C ARG A 466 -3.91 -18.98 -5.49
N ASP A 467 -3.63 -18.06 -4.57
CA ASP A 467 -2.48 -18.14 -3.69
C ASP A 467 -2.98 -18.32 -2.26
N ILE A 468 -3.23 -19.58 -1.87
CA ILE A 468 -3.69 -19.88 -0.52
C ILE A 468 -2.54 -20.11 0.45
N SER A 469 -1.31 -20.27 -0.04
CA SER A 469 -0.17 -20.49 0.83
C SER A 469 -0.02 -19.34 1.81
N THR A 470 0.82 -19.55 2.83
CA THR A 470 1.05 -18.55 3.87
C THR A 470 2.53 -18.48 4.20
N GLU A 471 3.38 -18.63 3.18
CA GLU A 471 4.82 -18.48 3.39
C GLU A 471 5.13 -17.07 3.84
N ILE A 472 6.09 -16.93 4.75
CA ILE A 472 6.42 -15.63 5.32
C ILE A 472 7.29 -14.87 4.33
N TYR A 473 6.87 -13.66 3.98
CA TYR A 473 7.59 -12.85 3.01
C TYR A 473 8.80 -12.18 3.65
N GLN A 474 9.82 -11.94 2.83
CA GLN A 474 11.00 -11.20 3.25
C GLN A 474 11.41 -10.25 2.14
N ALA A 475 12.16 -9.22 2.50
CA ALA A 475 12.69 -8.24 1.55
C ALA A 475 14.22 -8.36 1.61
N GLY A 476 14.76 -9.27 0.80
CA GLY A 476 16.20 -9.48 0.78
C GLY A 476 16.73 -9.88 2.14
N SER A 477 17.85 -9.27 2.52
CA SER A 477 18.50 -9.52 3.81
C SER A 477 18.81 -11.01 3.92
N THR A 478 18.31 -11.71 4.92
CA THR A 478 18.61 -13.12 5.14
C THR A 478 17.32 -13.91 5.31
N PRO A 479 17.27 -15.15 4.83
CA PRO A 479 16.03 -15.92 4.94
C PRO A 479 15.59 -16.07 6.40
N CYS A 480 14.29 -15.93 6.61
CA CYS A 480 13.66 -16.18 7.91
C CYS A 480 12.81 -17.45 7.79
N ASN A 481 13.23 -18.50 8.52
CA ASN A 481 12.66 -19.85 8.35
C ASN A 481 11.46 -20.01 9.28
N GLY A 482 10.39 -19.30 8.93
CA GLY A 482 9.18 -19.28 9.72
C GLY A 482 9.20 -18.27 10.85
N VAL A 483 10.33 -17.60 11.08
CA VAL A 483 10.39 -16.56 12.09
C VAL A 483 9.53 -15.38 11.65
N GLU A 484 9.08 -14.60 12.61
CA GLU A 484 8.34 -13.37 12.35
C GLU A 484 9.04 -12.21 13.03
N GLY A 485 9.29 -11.15 12.28
CA GLY A 485 10.01 -10.01 12.83
C GLY A 485 10.28 -8.98 11.77
N PHE A 486 11.18 -8.05 12.09
CA PHE A 486 11.50 -6.97 11.18
C PHE A 486 11.99 -7.52 9.84
N ASN A 487 11.47 -6.96 8.75
CA ASN A 487 11.78 -7.40 7.39
C ASN A 487 11.39 -8.86 7.16
N CYS A 488 10.50 -9.40 7.99
CA CYS A 488 9.92 -10.74 7.82
C CYS A 488 8.49 -10.66 8.35
N TYR A 489 7.53 -10.46 7.44
CA TYR A 489 6.18 -10.08 7.80
C TYR A 489 5.18 -11.15 7.37
N PHE A 490 4.11 -11.26 8.14
CA PHE A 490 2.97 -12.07 7.73
C PHE A 490 2.40 -11.47 6.45
N PRO A 491 1.96 -12.28 5.48
CA PRO A 491 1.58 -11.73 4.17
C PRO A 491 0.11 -11.37 4.01
N LEU A 492 -0.71 -11.48 5.05
CA LEU A 492 -2.13 -11.16 4.96
C LEU A 492 -2.48 -10.06 5.96
N GLN A 493 -3.54 -9.31 5.64
CA GLN A 493 -4.00 -8.23 6.49
C GLN A 493 -5.52 -8.28 6.57
N SER A 494 -6.06 -7.69 7.64
CA SER A 494 -7.49 -7.69 7.90
C SER A 494 -8.08 -6.32 7.57
N TYR A 495 -9.26 -6.34 6.96
CA TYR A 495 -9.93 -5.10 6.59
C TYR A 495 -10.45 -4.39 7.84
N GLY A 496 -10.61 -3.07 7.71
CA GLY A 496 -11.02 -2.23 8.82
C GLY A 496 -12.44 -1.74 8.70
N PHE A 497 -13.35 -2.62 8.30
CA PHE A 497 -14.75 -2.24 8.10
C PHE A 497 -15.34 -1.68 9.39
N GLN A 498 -16.05 -0.56 9.28
CA GLN A 498 -16.79 0.05 10.37
C GLN A 498 -18.16 0.46 9.86
N PRO A 499 -19.16 0.53 10.73
CA PRO A 499 -20.52 0.81 10.25
C PRO A 499 -20.64 2.14 9.51
N THR A 500 -19.85 3.14 9.89
CA THR A 500 -19.88 4.45 9.24
C THR A 500 -18.45 4.77 8.78
N ASN A 501 -18.12 4.32 7.57
CA ASN A 501 -16.83 4.60 6.95
C ASN A 501 -16.95 5.49 5.72
N GLY A 502 -18.02 5.35 4.96
CA GLY A 502 -18.21 6.11 3.74
C GLY A 502 -18.32 5.22 2.53
N VAL A 503 -18.84 5.75 1.42
CA VAL A 503 -19.00 4.96 0.21
C VAL A 503 -17.66 4.41 -0.26
N GLY A 504 -16.55 5.00 0.17
CA GLY A 504 -15.24 4.53 -0.23
C GLY A 504 -14.82 3.25 0.46
N TYR A 505 -14.65 3.32 1.78
CA TYR A 505 -14.16 2.17 2.55
C TYR A 505 -15.31 1.32 3.09
N GLN A 506 -16.20 0.88 2.20
CA GLN A 506 -17.31 0.03 2.56
C GLN A 506 -17.22 -1.30 1.81
N PRO A 507 -17.55 -2.42 2.46
CA PRO A 507 -17.43 -3.71 1.78
C PRO A 507 -18.30 -3.75 0.53
N TYR A 508 -17.75 -4.34 -0.53
CA TYR A 508 -18.47 -4.55 -1.78
C TYR A 508 -18.29 -6.00 -2.17
N ARG A 509 -19.41 -6.70 -2.43
CA ARG A 509 -19.35 -8.09 -2.85
C ARG A 509 -19.23 -8.12 -4.36
N VAL A 510 -18.21 -8.80 -4.86
CA VAL A 510 -17.91 -8.88 -6.28
C VAL A 510 -18.01 -10.34 -6.72
N VAL A 511 -18.75 -10.56 -7.80
CA VAL A 511 -18.86 -11.86 -8.44
C VAL A 511 -18.50 -11.70 -9.90
N VAL A 512 -17.56 -12.51 -10.37
CA VAL A 512 -17.06 -12.46 -11.72
C VAL A 512 -17.62 -13.67 -12.45
N LEU A 513 -18.48 -13.43 -13.44
CA LEU A 513 -19.11 -14.50 -14.21
C LEU A 513 -18.29 -14.64 -15.49
N SER A 514 -17.35 -15.59 -15.49
CA SER A 514 -16.41 -15.75 -16.59
C SER A 514 -16.86 -16.89 -17.47
N PHE A 515 -17.14 -16.60 -18.74
CA PHE A 515 -17.62 -17.61 -19.66
C PHE A 515 -16.46 -18.44 -20.18
N GLU A 516 -16.78 -19.39 -21.06
CA GLU A 516 -15.78 -20.27 -21.63
C GLU A 516 -16.40 -21.04 -22.78
N LEU A 517 -15.59 -21.31 -23.81
CA LEU A 517 -16.01 -22.08 -24.98
C LEU A 517 -14.92 -23.12 -25.29
N LEU A 518 -14.51 -23.84 -24.24
CA LEU A 518 -13.40 -24.79 -24.36
C LEU A 518 -13.85 -26.06 -25.08
N HIS A 519 -14.24 -25.93 -26.34
CA HIS A 519 -14.56 -27.09 -27.17
C HIS A 519 -15.69 -27.89 -26.51
N ALA A 520 -16.08 -29.02 -27.11
CA ALA A 520 -17.09 -29.89 -26.56
C ALA A 520 -18.46 -29.23 -26.67
N PRO A 521 -19.56 -29.99 -26.59
CA PRO A 521 -20.87 -29.39 -26.81
C PRO A 521 -21.19 -28.31 -25.80
N ALA A 522 -21.87 -27.27 -26.27
CA ALA A 522 -22.32 -26.20 -25.38
C ALA A 522 -23.60 -26.61 -24.67
N THR A 523 -23.73 -26.16 -23.41
CA THR A 523 -24.88 -26.55 -22.61
C THR A 523 -25.58 -25.34 -22.01
N VAL A 524 -24.81 -24.33 -21.60
CA VAL A 524 -25.37 -23.16 -20.91
C VAL A 524 -25.88 -22.21 -21.99
N CYS A 525 -27.13 -22.42 -22.40
CA CYS A 525 -27.77 -21.60 -23.40
C CYS A 525 -28.81 -20.70 -22.74
N GLY A 526 -29.55 -19.96 -23.55
CA GLY A 526 -30.52 -19.01 -23.03
C GLY A 526 -31.81 -19.68 -22.63
N PRO A 527 -32.69 -18.90 -22.00
CA PRO A 527 -33.98 -19.46 -21.55
C PRO A 527 -34.82 -20.06 -22.67
N LYS A 528 -34.78 -19.47 -23.86
CA LYS A 528 -35.64 -19.90 -24.96
C LYS A 528 -37.10 -19.76 -24.57
N GLN B 25 21.27 -8.03 1.84
CA GLN B 25 22.12 -6.83 2.05
C GLN B 25 21.57 -5.65 1.26
N VAL B 26 20.38 -5.19 1.64
CA VAL B 26 19.77 -4.05 0.95
C VAL B 26 20.67 -2.83 1.11
N GLN B 27 20.83 -2.06 0.03
CA GLN B 27 21.72 -0.91 0.04
C GLN B 27 21.22 0.09 -0.99
N LEU B 28 20.89 1.30 -0.54
CA LEU B 28 20.51 2.40 -1.42
C LEU B 28 21.64 3.43 -1.40
N VAL B 29 22.14 3.80 -2.58
CA VAL B 29 23.20 4.78 -2.69
C VAL B 29 22.78 5.85 -3.70
N GLN B 30 22.93 7.11 -3.31
CA GLN B 30 22.62 8.24 -4.16
C GLN B 30 23.86 8.66 -4.95
N SER B 31 23.70 9.71 -5.76
CA SER B 31 24.82 10.31 -6.46
C SER B 31 25.56 11.26 -5.52
N GLY B 32 26.71 11.74 -5.98
CA GLY B 32 27.51 12.66 -5.21
C GLY B 32 26.91 14.05 -5.16
N SER B 33 27.59 14.93 -4.44
CA SER B 33 27.12 16.31 -4.33
C SER B 33 27.10 16.98 -5.70
N GLU B 34 26.09 17.82 -5.92
CA GLU B 34 25.90 18.49 -7.20
C GLU B 34 25.92 20.00 -6.98
N LEU B 35 26.71 20.69 -7.80
CA LEU B 35 26.77 22.16 -7.83
C LEU B 35 26.22 22.64 -9.16
N LYS B 36 25.43 23.71 -9.13
CA LYS B 36 24.90 24.27 -10.36
C LYS B 36 24.48 25.70 -10.11
N LYS B 37 24.33 26.47 -11.19
CA LYS B 37 23.92 27.86 -11.10
C LYS B 37 22.40 27.96 -11.04
N PRO B 38 21.87 29.03 -10.45
CA PRO B 38 20.41 29.17 -10.35
C PRO B 38 19.75 29.14 -11.72
N GLY B 39 18.56 28.55 -11.77
CA GLY B 39 17.76 28.50 -12.97
C GLY B 39 17.99 27.28 -13.84
N ALA B 40 19.10 26.57 -13.65
CA ALA B 40 19.39 25.38 -14.44
C ALA B 40 18.60 24.20 -13.88
N SER B 41 18.92 23.00 -14.32
CA SER B 41 18.27 21.79 -13.85
C SER B 41 19.32 20.85 -13.27
N VAL B 42 18.89 19.99 -12.35
CA VAL B 42 19.76 19.04 -11.68
C VAL B 42 19.16 17.65 -11.81
N LYS B 43 20.02 16.69 -12.17
CA LYS B 43 19.64 15.28 -12.28
C LYS B 43 20.28 14.52 -11.13
N ILE B 44 19.46 13.79 -10.37
CA ILE B 44 19.91 13.07 -9.18
C ILE B 44 19.56 11.61 -9.37
N SER B 45 20.53 10.74 -9.14
CA SER B 45 20.37 9.30 -9.32
C SER B 45 20.60 8.59 -8.00
N CYS B 46 19.69 7.68 -7.65
CA CYS B 46 19.90 6.79 -6.52
C CYS B 46 19.51 5.39 -6.91
N LYS B 47 20.40 4.42 -6.67
CA LYS B 47 20.13 3.04 -7.05
C LYS B 47 20.19 2.14 -5.83
N ALA B 48 19.35 1.10 -5.88
CA ALA B 48 19.15 0.17 -4.78
C ALA B 48 19.55 -1.23 -5.22
N SER B 49 20.24 -1.95 -4.34
CA SER B 49 20.67 -3.30 -4.62
C SER B 49 20.38 -4.20 -3.43
N GLY B 50 20.23 -5.49 -3.70
CA GLY B 50 20.00 -6.49 -2.67
C GLY B 50 18.57 -6.95 -2.50
N TYR B 51 17.65 -6.52 -3.36
CA TYR B 51 16.26 -6.93 -3.25
C TYR B 51 15.57 -6.72 -4.58
N THR B 52 14.35 -7.23 -4.68
CA THR B 52 13.53 -7.08 -5.87
C THR B 52 13.04 -5.64 -5.94
N PHE B 53 13.69 -4.84 -6.81
CA PHE B 53 13.37 -3.41 -6.86
C PHE B 53 11.94 -3.17 -7.31
N ILE B 54 11.39 -4.06 -8.15
CA ILE B 54 10.06 -3.82 -8.70
C ILE B 54 8.96 -3.91 -7.64
N ASN B 55 9.25 -4.51 -6.49
CA ASN B 55 8.24 -4.75 -5.45
C ASN B 55 8.38 -3.78 -4.29
N HIS B 56 8.78 -2.54 -4.55
CA HIS B 56 8.86 -1.51 -3.52
C HIS B 56 8.72 -0.14 -4.15
N ALA B 57 7.88 0.70 -3.57
CA ALA B 57 7.78 2.08 -4.00
C ALA B 57 9.06 2.83 -3.64
N ILE B 58 9.29 3.95 -4.31
CA ILE B 58 10.43 4.82 -4.01
C ILE B 58 9.87 6.16 -3.57
N ASN B 59 10.11 6.51 -2.32
CA ASN B 59 9.66 7.78 -1.75
C ASN B 59 10.81 8.78 -1.79
N TRP B 60 10.47 10.07 -1.73
CA TRP B 60 11.48 11.12 -1.78
C TRP B 60 11.28 12.06 -0.60
N VAL B 61 12.39 12.66 -0.14
CA VAL B 61 12.34 13.58 0.98
C VAL B 61 13.45 14.61 0.84
N ARG B 62 13.18 15.82 1.34
CA ARG B 62 14.12 16.93 1.30
C ARG B 62 14.38 17.42 2.71
N GLN B 63 15.59 17.95 2.93
CA GLN B 63 15.94 18.55 4.21
C GLN B 63 16.82 19.76 3.97
N ALA B 64 16.44 20.90 4.54
CA ALA B 64 17.26 22.09 4.50
C ALA B 64 18.05 22.22 5.79
N PRO B 65 19.24 22.81 5.75
CA PRO B 65 20.04 22.95 6.98
C PRO B 65 19.26 23.69 8.06
N GLY B 66 19.09 23.02 9.21
CA GLY B 66 18.37 23.58 10.32
C GLY B 66 16.87 23.38 10.29
N GLN B 67 16.34 22.70 9.28
CA GLN B 67 14.91 22.49 9.13
C GLN B 67 14.62 21.01 8.99
N GLY B 68 13.45 20.60 9.47
CA GLY B 68 13.08 19.20 9.47
C GLY B 68 12.71 18.70 8.08
N LEU B 69 12.60 17.38 7.98
CA LEU B 69 12.27 16.75 6.71
C LEU B 69 10.85 17.12 6.28
N GLU B 70 10.63 17.11 4.97
CA GLU B 70 9.32 17.35 4.38
C GLU B 70 9.08 16.33 3.27
N TRP B 71 7.86 15.82 3.21
CA TRP B 71 7.52 14.83 2.21
C TRP B 71 7.58 15.45 0.82
N MET B 72 8.03 14.66 -0.16
CA MET B 72 8.13 15.08 -1.54
C MET B 72 7.12 14.36 -2.44
N GLY B 73 7.10 13.05 -2.40
CA GLY B 73 6.24 12.26 -3.25
C GLY B 73 6.75 10.83 -3.31
N TRP B 74 6.00 10.01 -4.06
CA TRP B 74 6.35 8.61 -4.20
C TRP B 74 6.19 8.19 -5.66
N ILE B 75 6.92 7.14 -6.02
CA ILE B 75 6.83 6.52 -7.34
C ILE B 75 6.53 5.04 -7.13
N ASN B 76 5.42 4.60 -7.70
CA ASN B 76 5.12 3.18 -7.83
C ASN B 76 6.09 2.58 -8.84
N THR B 77 6.94 1.65 -8.38
CA THR B 77 7.92 1.06 -9.28
C THR B 77 7.29 -0.06 -10.10
N ASN B 78 6.13 0.19 -10.67
CA ASN B 78 5.49 -0.68 -11.65
C ASN B 78 5.07 0.07 -12.89
N THR B 79 4.60 1.30 -12.75
CA THR B 79 4.25 2.16 -13.88
C THR B 79 5.06 3.45 -13.90
N GLY B 80 5.18 4.12 -12.75
CA GLY B 80 5.96 5.34 -12.64
C GLY B 80 5.15 6.57 -12.34
N ASN B 81 3.84 6.54 -12.57
CA ASN B 81 3.00 7.72 -12.34
C ASN B 81 3.16 8.20 -10.90
N PRO B 82 3.79 9.35 -10.66
CA PRO B 82 3.90 9.84 -9.27
C PRO B 82 2.63 10.50 -8.78
N THR B 83 2.63 10.91 -7.51
CA THR B 83 1.47 11.51 -6.87
C THR B 83 1.95 12.75 -6.09
N TYR B 84 2.68 13.61 -6.80
CA TYR B 84 3.37 14.76 -6.20
C TYR B 84 2.51 15.40 -5.12
N ALA B 85 3.17 15.82 -4.03
CA ALA B 85 2.48 16.60 -3.02
C ALA B 85 2.07 17.95 -3.60
N PRO B 86 1.08 18.61 -3.01
CA PRO B 86 0.56 19.84 -3.61
C PRO B 86 1.65 20.88 -3.82
N GLY B 87 1.64 21.50 -5.00
CA GLY B 87 2.53 22.60 -5.30
C GLY B 87 3.92 22.20 -5.79
N PHE B 88 4.14 20.93 -6.11
CA PHE B 88 5.44 20.45 -6.56
C PHE B 88 5.37 19.93 -7.98
N THR B 89 4.66 20.65 -8.85
CA THR B 89 4.49 20.27 -10.25
C THR B 89 5.45 21.05 -11.14
N GLY B 90 5.91 20.39 -12.19
CA GLY B 90 6.80 21.03 -13.16
C GLY B 90 8.24 21.17 -12.72
N ARG B 91 8.46 21.66 -11.51
CA ARG B 91 9.82 21.82 -10.99
C ARG B 91 10.44 20.49 -10.60
N PHE B 92 9.63 19.45 -10.39
CA PHE B 92 10.11 18.13 -9.98
C PHE B 92 9.56 17.08 -10.93
N VAL B 93 10.45 16.21 -11.41
CA VAL B 93 10.05 15.07 -12.24
C VAL B 93 10.70 13.82 -11.70
N PHE B 94 9.93 12.74 -11.60
CA PHE B 94 10.40 11.47 -11.09
C PHE B 94 10.45 10.45 -12.22
N SER B 95 11.51 9.66 -12.27
CA SER B 95 11.64 8.63 -13.29
C SER B 95 12.35 7.43 -12.69
N LEU B 96 12.30 6.31 -13.40
CA LEU B 96 12.97 5.09 -12.95
C LEU B 96 13.46 4.29 -14.15
N ASP B 97 14.64 3.68 -13.99
CA ASP B 97 15.17 2.72 -14.94
C ASP B 97 15.11 1.36 -14.26
N THR B 98 14.13 0.55 -14.67
CA THR B 98 13.96 -0.78 -14.09
C THR B 98 15.07 -1.73 -14.56
N SER B 99 15.49 -1.63 -15.82
CA SER B 99 16.53 -2.51 -16.32
C SER B 99 17.85 -2.32 -15.58
N VAL B 100 18.02 -1.19 -14.90
CA VAL B 100 19.20 -0.93 -14.08
C VAL B 100 18.83 -0.77 -12.61
N SER B 101 17.54 -0.71 -12.29
CA SER B 101 17.07 -0.58 -10.92
C SER B 101 17.60 0.70 -10.27
N THR B 102 17.25 1.82 -10.89
CA THR B 102 17.68 3.13 -10.41
C THR B 102 16.51 4.10 -10.48
N ALA B 103 16.54 5.11 -9.62
CA ALA B 103 15.54 6.17 -9.60
C ALA B 103 16.20 7.52 -9.86
N TYR B 104 15.51 8.36 -10.62
CA TYR B 104 16.03 9.64 -11.06
C TYR B 104 15.07 10.76 -10.66
N LEU B 105 15.66 11.86 -10.22
CA LEU B 105 14.94 13.08 -9.86
C LEU B 105 15.47 14.22 -10.72
N GLN B 106 14.56 14.92 -11.41
CA GLN B 106 14.91 16.09 -12.19
C GLN B 106 14.34 17.32 -11.51
N ILE B 107 15.19 18.28 -11.20
CA ILE B 107 14.79 19.54 -10.59
C ILE B 107 15.20 20.65 -11.56
N SER B 108 14.26 21.05 -12.42
CA SER B 108 14.49 22.12 -13.38
C SER B 108 13.96 23.44 -12.81
N SER B 109 14.39 24.53 -13.44
CA SER B 109 14.04 25.88 -13.00
C SER B 109 14.31 26.03 -11.51
N LEU B 110 15.57 25.84 -11.15
CA LEU B 110 15.97 25.85 -9.75
C LEU B 110 15.90 27.27 -9.18
N LYS B 111 15.65 27.34 -7.87
CA LYS B 111 15.60 28.60 -7.14
C LYS B 111 16.55 28.53 -5.95
N ALA B 112 17.09 29.70 -5.57
CA ALA B 112 18.10 29.74 -4.52
C ALA B 112 17.58 29.15 -3.22
N GLU B 113 16.26 29.20 -2.99
CA GLU B 113 15.65 28.62 -1.80
C GLU B 113 15.31 27.15 -1.98
N ASP B 114 15.97 26.46 -2.92
CA ASP B 114 15.77 25.04 -3.13
C ASP B 114 17.01 24.21 -2.80
N THR B 115 18.10 24.84 -2.39
CA THR B 115 19.28 24.10 -1.96
C THR B 115 18.93 23.27 -0.74
N ALA B 116 19.33 22.00 -0.75
CA ALA B 116 18.97 21.09 0.33
C ALA B 116 19.61 19.73 0.06
N VAL B 117 19.49 18.84 1.04
CA VAL B 117 19.93 17.46 0.90
C VAL B 117 18.69 16.60 0.65
N TYR B 118 18.79 15.75 -0.37
CA TYR B 118 17.66 14.95 -0.83
C TYR B 118 17.96 13.48 -0.61
N TYR B 119 16.96 12.75 -0.11
CA TYR B 119 17.05 11.32 0.11
C TYR B 119 15.93 10.59 -0.62
N CYS B 120 16.25 9.41 -1.14
CA CYS B 120 15.26 8.49 -1.68
C CYS B 120 15.17 7.30 -0.74
N ALA B 121 13.93 6.82 -0.54
CA ALA B 121 13.63 5.86 0.51
C ALA B 121 12.84 4.70 -0.05
N ARG B 122 13.05 3.52 0.55
CA ARG B 122 12.26 2.34 0.25
C ARG B 122 11.17 2.18 1.30
N ILE B 123 10.11 1.50 0.90
CA ILE B 123 8.95 1.28 1.77
C ILE B 123 8.52 -0.18 1.65
N PRO B 124 8.17 -0.86 2.74
CA PRO B 124 7.84 -2.29 2.64
C PRO B 124 6.66 -2.60 1.73
N ILE B 125 5.96 -1.60 1.21
CA ILE B 125 4.78 -1.84 0.39
C ILE B 125 5.06 -1.32 -1.02
N ARG B 126 4.42 -1.92 -2.01
CA ARG B 126 4.60 -1.48 -3.38
C ARG B 126 4.17 -0.03 -3.57
N ASP B 127 3.02 0.33 -2.99
CA ASP B 127 2.55 1.72 -2.95
C ASP B 127 2.07 2.00 -1.54
N TYR B 128 1.33 3.10 -1.37
CA TYR B 128 0.75 3.42 -0.07
C TYR B 128 -0.69 2.98 0.08
N ASP B 129 -1.44 2.89 -1.03
CA ASP B 129 -2.83 2.44 -0.95
C ASP B 129 -2.94 0.93 -0.79
N TYR B 130 -1.90 0.17 -1.14
CA TYR B 130 -1.94 -1.28 -1.00
C TYR B 130 -2.33 -1.68 0.42
N ASP B 131 -1.55 -1.23 1.40
CA ASP B 131 -1.81 -1.53 2.81
C ASP B 131 -2.76 -0.47 3.35
N GLY B 132 -4.01 -0.86 3.56
CA GLY B 132 -4.99 0.01 4.18
C GLY B 132 -4.94 0.04 5.67
N SER B 133 -4.11 -0.79 6.29
CA SER B 133 -4.03 -0.86 7.74
C SER B 133 -3.30 0.33 8.35
N GLY B 134 -2.29 0.86 7.66
CA GLY B 134 -1.49 1.93 8.23
C GLY B 134 -0.37 1.46 9.13
N TYR B 135 -0.12 0.16 9.19
CA TYR B 135 0.91 -0.41 10.05
C TYR B 135 2.25 -0.55 9.35
N TYR B 136 2.32 -0.20 8.06
CA TYR B 136 3.57 -0.26 7.30
C TYR B 136 3.90 1.06 6.62
N TYR B 137 3.21 2.15 6.96
CA TYR B 137 3.49 3.46 6.36
C TYR B 137 4.74 4.07 6.98
N PHE B 138 5.87 3.42 6.73
CA PHE B 138 7.15 3.91 7.19
C PHE B 138 8.23 3.57 6.16
N LEU B 139 9.31 4.33 6.22
CA LEU B 139 10.42 4.20 5.29
C LEU B 139 11.54 3.43 5.98
N ASP B 140 11.92 2.28 5.43
CA ASP B 140 12.83 1.38 6.13
C ASP B 140 14.30 1.78 5.96
N TYR B 141 14.75 1.94 4.72
CA TYR B 141 16.17 2.14 4.42
C TYR B 141 16.34 3.39 3.57
N TRP B 142 17.36 4.19 3.89
CA TRP B 142 17.68 5.41 3.17
C TRP B 142 19.11 5.33 2.64
N GLY B 143 19.48 6.34 1.85
CA GLY B 143 20.84 6.50 1.37
C GLY B 143 21.50 7.72 1.98
N GLN B 144 22.75 7.94 1.56
CA GLN B 144 23.53 9.04 2.13
C GLN B 144 22.88 10.40 1.82
N GLY B 145 22.31 10.54 0.63
CA GLY B 145 21.67 11.77 0.25
C GLY B 145 22.56 12.66 -0.59
N THR B 146 21.93 13.48 -1.44
CA THR B 146 22.64 14.35 -2.35
C THR B 146 22.42 15.81 -1.95
N LEU B 147 23.50 16.57 -1.87
CA LEU B 147 23.44 17.99 -1.51
C LEU B 147 23.39 18.83 -2.79
N VAL B 148 22.26 19.50 -3.01
CA VAL B 148 22.12 20.43 -4.12
C VAL B 148 22.28 21.84 -3.59
N THR B 149 23.26 22.56 -4.12
CA THR B 149 23.57 23.91 -3.68
C THR B 149 23.75 24.82 -4.89
N VAL B 150 23.30 26.06 -4.77
CA VAL B 150 23.35 27.04 -5.85
C VAL B 150 23.67 28.41 -5.27
N SER B 151 24.00 29.34 -6.15
CA SER B 151 24.25 30.72 -5.77
C SER B 151 24.45 31.60 -7.00
N SER C 25 -3.07 16.23 10.09
CA SER C 25 -3.15 16.00 8.61
C SER C 25 -2.14 16.86 7.86
N TYR C 26 -1.60 17.88 8.55
CA TYR C 26 -0.59 18.76 7.99
C TYR C 26 0.73 18.65 8.73
N GLU C 27 0.73 18.79 10.05
CA GLU C 27 1.95 18.69 10.84
C GLU C 27 1.69 17.83 12.07
N LEU C 28 2.76 17.30 12.63
CA LEU C 28 2.74 16.58 13.90
C LEU C 28 3.69 17.31 14.85
N THR C 29 3.12 18.16 15.70
CA THR C 29 3.94 19.03 16.54
C THR C 29 4.79 18.22 17.52
N GLN C 30 5.95 18.77 17.86
CA GLN C 30 6.86 18.15 18.81
C GLN C 30 7.60 19.27 19.54
N ASP C 31 8.60 18.89 20.34
CA ASP C 31 9.33 19.85 21.17
C ASP C 31 10.83 19.60 21.11
N PRO C 32 11.61 20.47 20.44
CA PRO C 32 13.06 20.25 20.32
C PRO C 32 13.87 20.87 21.45
N ALA C 33 13.59 20.43 22.69
CA ALA C 33 14.31 20.95 23.84
C ALA C 33 14.58 19.86 24.88
N VAL C 34 14.78 18.62 24.43
CA VAL C 34 14.87 17.48 25.34
C VAL C 34 16.31 17.29 25.78
N SER C 35 16.56 17.51 27.08
CA SER C 35 17.83 17.16 27.71
C SER C 35 17.59 17.17 29.21
N VAL C 36 17.80 16.04 29.88
CA VAL C 36 17.31 15.89 31.25
C VAL C 36 18.42 15.55 32.25
N ALA C 37 19.03 14.37 32.12
CA ALA C 37 19.94 13.90 33.16
C ALA C 37 21.20 13.21 32.67
N LEU C 38 21.29 12.79 31.40
CA LEU C 38 22.44 12.11 30.82
C LEU C 38 22.66 10.72 31.39
N GLY C 39 21.89 10.30 32.39
CA GLY C 39 22.11 9.00 33.01
C GLY C 39 20.84 8.32 33.46
N GLN C 40 19.69 8.74 32.92
CA GLN C 40 18.40 8.21 33.33
C GLN C 40 17.53 8.01 32.10
N THR C 41 16.34 7.46 32.32
CA THR C 41 15.39 7.27 31.23
C THR C 41 14.93 8.61 30.67
N VAL C 42 14.82 8.68 29.34
CA VAL C 42 14.43 9.89 28.64
C VAL C 42 13.23 9.57 27.75
N ARG C 43 12.34 10.54 27.60
CA ARG C 43 11.10 10.38 26.86
C ARG C 43 11.00 11.43 25.76
N ILE C 44 10.41 11.04 24.64
CA ILE C 44 10.15 11.93 23.51
C ILE C 44 8.67 11.81 23.18
N THR C 45 7.98 12.95 23.15
CA THR C 45 6.54 12.99 23.00
C THR C 45 6.15 13.61 21.66
N CYS C 46 5.11 13.05 21.04
CA CYS C 46 4.54 13.57 19.81
C CYS C 46 3.03 13.64 19.95
N GLN C 47 2.46 14.79 19.60
CA GLN C 47 1.03 15.03 19.67
C GLN C 47 0.47 15.19 18.26
N GLY C 48 -0.62 14.48 17.98
CA GLY C 48 -1.25 14.57 16.68
C GLY C 48 -2.71 14.17 16.73
N ASP C 49 -3.57 15.02 16.18
CA ASP C 49 -5.02 14.77 16.21
C ASP C 49 -5.44 13.63 15.29
N SER C 50 -4.54 13.12 14.44
CA SER C 50 -4.85 12.07 13.50
C SER C 50 -4.04 10.81 13.81
N LEU C 51 -3.95 10.46 15.10
CA LEU C 51 -3.18 9.31 15.53
C LEU C 51 -3.98 8.29 16.32
N ARG C 52 -5.27 8.52 16.54
CA ARG C 52 -6.08 7.54 17.27
C ARG C 52 -6.25 6.27 16.43
N SER C 53 -6.86 6.39 15.26
CA SER C 53 -7.06 5.25 14.36
C SER C 53 -5.96 5.22 13.31
N SER C 54 -4.75 4.95 13.77
CA SER C 54 -3.58 4.86 12.91
C SER C 54 -2.44 4.26 13.73
N SER C 55 -1.25 4.22 13.14
CA SER C 55 -0.04 3.73 13.79
C SER C 55 0.97 4.87 13.84
N ALA C 56 2.19 4.55 14.30
CA ALA C 56 3.25 5.54 14.36
C ALA C 56 4.59 4.82 14.23
N SER C 57 5.62 5.59 13.86
CA SER C 57 6.96 5.04 13.71
C SER C 57 7.97 6.13 14.00
N TRP C 58 9.13 5.72 14.51
CA TRP C 58 10.16 6.63 15.02
C TRP C 58 11.51 6.33 14.39
N TYR C 59 12.21 7.41 14.03
CA TYR C 59 13.52 7.33 13.39
C TYR C 59 14.55 7.98 14.28
N GLN C 60 15.80 7.99 13.82
CA GLN C 60 16.83 8.86 14.39
C GLN C 60 17.67 9.41 13.26
N GLN C 61 18.33 10.54 13.53
CA GLN C 61 19.13 11.23 12.50
C GLN C 61 20.35 11.84 13.17
N LYS C 62 21.48 11.14 13.08
CA LYS C 62 22.74 11.75 13.46
C LYS C 62 23.10 12.84 12.45
N PRO C 63 23.77 13.91 12.88
CA PRO C 63 24.02 15.03 11.97
C PRO C 63 24.69 14.60 10.67
N GLY C 64 23.98 14.78 9.56
CA GLY C 64 24.52 14.50 8.23
C GLY C 64 24.39 13.06 7.78
N GLN C 65 24.66 12.11 8.67
CA GLN C 65 24.64 10.70 8.30
C GLN C 65 23.25 10.31 7.79
N ALA C 66 23.19 9.14 7.16
CA ALA C 66 21.94 8.63 6.63
C ALA C 66 21.03 8.22 7.78
N PRO C 67 19.87 8.84 7.97
CA PRO C 67 18.99 8.44 9.07
C PRO C 67 18.31 7.11 8.79
N VAL C 68 18.15 6.31 9.84
CA VAL C 68 17.53 4.99 9.76
C VAL C 68 16.52 4.87 10.89
N LEU C 69 15.59 3.93 10.74
CA LEU C 69 14.50 3.81 11.69
C LEU C 69 14.98 3.17 12.98
N VAL C 70 14.23 3.44 14.06
CA VAL C 70 14.55 2.91 15.38
C VAL C 70 13.36 2.18 15.97
N ILE C 71 12.16 2.51 15.52
CA ILE C 71 10.94 1.82 15.97
C ILE C 71 9.91 1.84 14.84
N TYR C 72 9.34 0.67 14.56
CA TYR C 72 8.24 0.55 13.61
C TYR C 72 7.09 -0.16 14.30
N GLY C 73 5.88 0.35 14.09
CA GLY C 73 4.72 -0.21 14.75
C GLY C 73 4.55 0.23 16.19
N LYS C 74 5.43 1.09 16.70
CA LYS C 74 5.34 1.65 18.04
C LYS C 74 5.73 0.65 19.11
N THR C 75 5.89 -0.62 18.74
CA THR C 75 6.32 -1.63 19.69
C THR C 75 7.45 -2.49 19.18
N ASN C 76 7.49 -2.79 17.88
CA ASN C 76 8.39 -3.79 17.32
C ASN C 76 9.72 -3.13 17.00
N ARG C 77 10.74 -3.43 17.80
CA ARG C 77 12.07 -2.89 17.56
C ARG C 77 12.66 -3.48 16.28
N PRO C 78 13.58 -2.78 15.64
CA PRO C 78 14.22 -3.29 14.43
C PRO C 78 15.47 -4.11 14.74
N SER C 79 15.99 -4.75 13.69
CA SER C 79 17.21 -5.53 13.81
C SER C 79 18.44 -4.67 14.05
N GLY C 80 18.34 -3.36 13.89
CA GLY C 80 19.49 -2.48 14.03
C GLY C 80 20.04 -2.40 15.44
N ILE C 81 19.25 -1.83 16.35
CA ILE C 81 19.69 -1.65 17.73
C ILE C 81 18.46 -1.76 18.64
N PRO C 82 17.92 -2.96 18.85
CA PRO C 82 16.76 -3.13 19.73
C PRO C 82 17.15 -3.31 21.20
N ASP C 83 18.04 -2.46 21.69
CA ASP C 83 18.56 -2.57 23.05
C ASP C 83 17.94 -1.54 23.99
N ARG C 84 18.03 -0.26 23.67
CA ARG C 84 17.56 0.79 24.58
C ARG C 84 16.63 1.76 23.88
N PHE C 85 15.67 1.24 23.12
CA PHE C 85 14.64 2.04 22.48
C PHE C 85 13.31 1.35 22.68
N SER C 86 12.30 2.11 23.12
CA SER C 86 10.96 1.57 23.32
C SER C 86 9.94 2.59 22.85
N GLY C 87 8.74 2.10 22.55
CA GLY C 87 7.69 2.95 22.02
C GLY C 87 6.34 2.58 22.59
N SER C 88 5.48 3.59 22.71
CA SER C 88 4.13 3.39 23.23
C SER C 88 3.21 4.43 22.61
N SER C 89 1.90 4.13 22.66
CA SER C 89 0.88 5.03 22.15
C SER C 89 -0.25 5.12 23.15
N SER C 90 -0.63 6.35 23.50
CA SER C 90 -1.75 6.60 24.41
C SER C 90 -2.64 7.65 23.75
N GLY C 91 -3.75 7.20 23.18
CA GLY C 91 -4.67 8.12 22.52
C GLY C 91 -3.96 8.88 21.43
N ASN C 92 -4.00 10.21 21.52
CA ASN C 92 -3.41 11.07 20.50
C ASN C 92 -1.91 11.26 20.68
N THR C 93 -1.29 10.58 21.65
CA THR C 93 0.10 10.80 21.99
C THR C 93 0.95 9.58 21.63
N ALA C 94 2.12 9.84 21.05
CA ALA C 94 3.12 8.81 20.79
C ALA C 94 4.35 9.10 21.64
N SER C 95 4.94 8.06 22.22
CA SER C 95 6.02 8.22 23.18
C SER C 95 7.16 7.27 22.83
N LEU C 96 8.33 7.84 22.55
CA LEU C 96 9.57 7.08 22.44
C LEU C 96 10.33 7.20 23.76
N THR C 97 11.10 6.17 24.09
CA THR C 97 11.82 6.17 25.35
C THR C 97 13.19 5.51 25.20
N ILE C 98 14.19 6.12 25.84
CA ILE C 98 15.53 5.57 25.93
C ILE C 98 15.81 5.30 27.41
N THR C 99 16.60 4.27 27.69
CA THR C 99 16.81 3.80 29.05
C THR C 99 18.21 4.09 29.57
N GLY C 100 19.25 3.61 28.89
CA GLY C 100 20.60 3.72 29.41
C GLY C 100 21.58 4.14 28.32
N ALA C 101 22.81 4.40 28.75
CA ALA C 101 23.87 4.88 27.87
C ALA C 101 23.34 5.98 26.95
N GLN C 102 22.80 7.03 27.58
CA GLN C 102 22.11 8.07 26.85
C GLN C 102 23.03 8.80 25.87
N ALA C 103 24.34 8.72 26.06
CA ALA C 103 25.26 9.34 25.13
C ALA C 103 25.15 8.68 23.75
N GLU C 104 25.89 9.23 22.79
CA GLU C 104 25.85 8.76 21.41
C GLU C 104 24.44 8.90 20.85
N ASP C 105 23.72 9.93 21.29
CA ASP C 105 22.39 10.24 20.78
C ASP C 105 22.21 11.74 20.58
N GLU C 106 23.29 12.43 20.21
CA GLU C 106 23.23 13.86 19.89
C GLU C 106 22.55 14.01 18.54
N ALA C 107 21.26 13.69 18.48
CA ALA C 107 20.63 13.46 17.17
C ALA C 107 19.27 14.13 17.05
N ASP C 108 18.58 13.88 15.95
CA ASP C 108 17.27 14.43 15.68
C ASP C 108 16.31 13.30 15.37
N TYR C 109 15.21 13.22 16.14
CA TYR C 109 14.26 12.13 16.07
C TYR C 109 12.99 12.59 15.38
N TYR C 110 12.49 11.78 14.45
CA TYR C 110 11.32 12.12 13.65
C TYR C 110 10.30 11.01 13.71
N CYS C 111 9.05 11.36 13.40
CA CYS C 111 7.92 10.46 13.50
C CYS C 111 7.20 10.35 12.17
N ASN C 112 6.41 9.28 12.05
CA ASN C 112 5.58 9.07 10.86
C ASN C 112 4.32 8.32 11.25
N SER C 113 3.30 8.43 10.42
CA SER C 113 2.01 7.81 10.67
C SER C 113 1.11 8.00 9.45
N ARG C 114 0.18 7.06 9.27
CA ARG C 114 -0.84 7.21 8.25
C ARG C 114 -1.66 8.47 8.54
N ASP C 115 -2.28 9.00 7.48
CA ASP C 115 -3.09 10.19 7.58
C ASP C 115 -4.32 10.04 6.70
N ASN C 116 -5.34 10.84 7.00
CA ASN C 116 -6.61 10.80 6.30
C ASN C 116 -6.87 12.14 5.62
N SER C 117 -8.08 12.31 5.09
CA SER C 117 -8.55 13.45 4.32
C SER C 117 -8.09 13.37 2.87
N GLY C 118 -7.43 12.29 2.46
CA GLY C 118 -7.03 12.14 1.07
C GLY C 118 -6.12 13.24 0.57
N ASN C 119 -5.22 13.71 1.42
CA ASN C 119 -4.29 14.78 1.07
C ASN C 119 -2.84 14.33 1.15
N HIS C 120 -2.45 13.67 2.22
CA HIS C 120 -1.07 13.22 2.40
C HIS C 120 -1.07 11.80 2.95
N PRO C 121 -0.71 10.79 2.14
CA PRO C 121 -0.63 9.43 2.70
C PRO C 121 0.27 9.33 3.90
N VAL C 122 1.35 10.10 3.94
CA VAL C 122 2.25 10.16 5.10
C VAL C 122 2.59 11.61 5.37
N VAL C 123 2.99 11.90 6.62
CA VAL C 123 3.50 13.21 7.00
C VAL C 123 4.60 13.03 8.02
N PHE C 124 5.41 14.07 8.17
CA PHE C 124 6.54 14.08 9.09
C PHE C 124 6.35 15.18 10.12
N GLY C 125 6.68 14.88 11.37
CA GLY C 125 6.65 15.87 12.41
C GLY C 125 7.83 16.82 12.32
N GLY C 126 7.79 17.84 13.19
CA GLY C 126 8.88 18.80 13.23
C GLY C 126 10.22 18.20 13.60
N GLY C 127 10.23 17.18 14.43
CA GLY C 127 11.47 16.57 14.88
C GLY C 127 11.96 17.14 16.18
N THR C 128 12.62 16.29 16.97
CA THR C 128 13.11 16.67 18.29
C THR C 128 14.62 16.53 18.32
N LYS C 129 15.31 17.56 18.81
CA LYS C 129 16.76 17.62 18.84
C LYS C 129 17.23 17.05 20.18
N LEU C 130 17.34 15.72 20.24
CA LEU C 130 17.79 15.05 21.45
C LEU C 130 19.26 15.38 21.69
N THR C 131 19.53 16.13 22.75
CA THR C 131 20.89 16.47 23.15
C THR C 131 21.08 16.05 24.60
N VAL C 132 22.19 15.34 24.86
CA VAL C 132 22.49 14.79 26.18
C VAL C 132 23.87 15.28 26.58
N LEU C 133 23.98 15.79 27.80
CA LEU C 133 25.25 16.28 28.32
C LEU C 133 26.36 15.26 28.15
C1 NAG D . -31.17 -12.17 -3.19
C2 NAG D . -31.68 -12.77 -4.50
C3 NAG D . -32.58 -11.76 -5.21
C4 NAG D . -33.68 -11.26 -4.29
C5 NAG D . -33.10 -10.78 -2.95
C6 NAG D . -34.16 -10.44 -1.93
C7 NAG D . -30.61 -14.24 -6.16
C8 NAG D . -31.85 -15.08 -6.13
N2 NAG D . -30.58 -13.17 -5.36
O3 NAG D . -33.16 -12.36 -6.37
O4 NAG D . -34.36 -10.17 -4.91
O5 NAG D . -32.27 -11.79 -2.37
O6 NAG D . -34.92 -11.59 -1.57
O7 NAG D . -29.65 -14.52 -6.88
H2 NAG D . -32.24 -13.54 -4.26
H3 NAG D . -32.04 -11.00 -5.49
H4 NAG D . -34.32 -11.99 -4.11
H5 NAG D . -32.56 -9.98 -3.13
H61 NAG D . -34.76 -9.77 -2.31
H62 NAG D . -33.73 -10.08 -1.14
H81 NAG D . -31.75 -15.82 -6.78
H82 NAG D . -32.63 -14.55 -6.38
H83 NAG D . -31.97 -15.46 -5.25
HN2 NAG D . -29.85 -12.64 -5.37
HO3 NAG D . -33.93 -12.75 -6.14
HO6 NAG D . -34.45 -12.32 -1.79
C1 NAG D . -35.78 -10.31 -4.84
C2 NAG D . -36.38 -8.91 -4.96
C3 NAG D . -37.90 -8.98 -4.95
C4 NAG D . -38.38 -9.93 -6.05
C5 NAG D . -37.73 -11.30 -5.87
C6 NAG D . -38.08 -12.27 -6.97
C7 NAG D . -34.91 -7.16 -4.02
C8 NAG D . -34.24 -7.10 -5.37
N2 NAG D . -35.91 -8.04 -3.90
O3 NAG D . -38.45 -7.69 -5.15
O4 NAG D . -39.79 -10.03 -6.03
O5 NAG D . -36.31 -11.17 -5.87
O6 NAG D . -36.93 -12.95 -7.44
O7 NAG D . -34.54 -6.46 -3.09
H2 NAG D . -36.13 -8.57 -5.84
H3 NAG D . -38.20 -9.33 -4.09
H4 NAG D . -38.09 -9.57 -6.92
H5 NAG D . -38.02 -11.67 -5.01
H61 NAG D . -38.49 -11.78 -7.71
H62 NAG D . -38.73 -12.92 -6.63
H81 NAG D . -33.49 -6.48 -5.33
H82 NAG D . -34.89 -6.77 -6.03
H83 NAG D . -33.92 -7.98 -5.63
HN2 NAG D . -36.32 -8.10 -3.08
HO3 NAG D . -39.25 -7.65 -4.78
HO6 NAG D . -36.20 -12.54 -7.16
C1 BMA D . -40.27 -8.98 -6.91
C2 BMA D . -41.63 -9.39 -7.50
C3 BMA D . -42.13 -8.26 -8.40
C4 BMA D . -42.11 -6.90 -7.65
C5 BMA D . -40.72 -6.64 -7.03
C6 BMA D . -40.68 -5.39 -6.20
O2 BMA D . -42.59 -9.57 -6.48
O3 BMA D . -43.44 -8.52 -8.90
O4 BMA D . -42.43 -5.85 -8.55
O5 BMA D . -40.39 -7.76 -6.19
O6 BMA D . -41.15 -4.30 -6.99
H2 BMA D . -41.51 -10.31 -8.10
H3 BMA D . -41.49 -8.16 -9.27
H4 BMA D . -42.84 -6.95 -6.83
H5 BMA D . -39.98 -6.55 -7.84
H61 BMA D . -39.64 -5.22 -5.87
H62 BMA D . -41.30 -5.55 -5.31
HO2 BMA D . -43.45 -9.30 -6.86
HO3 BMA D . -43.99 -7.79 -8.57
HO4 BMA D . -43.16 -5.37 -8.14
HO6 BMA D . -41.22 -3.53 -6.41
#